data_5XDO
#
_entry.id   5XDO
#
_cell.length_a   121.620
_cell.length_b   146.330
_cell.length_c   77.530
_cell.angle_alpha   90.000
_cell.angle_beta   90.000
_cell.angle_gamma   90.000
#
_symmetry.space_group_name_H-M   'C 2 2 2'
#
loop_
_entity.id
_entity.type
_entity.pdbx_description
1 polymer 'Voltage-dependent anion-selective channel protein 1'
2 non-polymer SPERMIDINE
3 non-polymer N-OCTANE
4 non-polymer PENTANE
5 non-polymer HEXANE
6 water water
#
_entity_poly.entity_id   1
_entity_poly.type   'polypeptide(L)'
_entity_poly.pdbx_seq_one_letter_code
;MRGSHHHHHHGSMAVPPTYADLGKSARDVFTKGYGFGLIKLDLKTKSENGLEFTSSGSANTETTKVTGSLETKYRWTEYG
LTFTEKWNTDNTLGTEITVEDQLARGLKLTFDSSFSPNTGKKNAKIKTGYKREHINLGCDMDFDIAGPSIRGALVLGYEG
WLAGYQMNFETAKSRVTQSNFAVGYKTDEFQLHTNVNDGTEFGGSIYQKVNKKLETAVNLAWTAGNSNTRFGIAAKYQID
PDACFSAKVNNSSLIGLGYTQTLKPGIKLTLSALLDGKNVNAGGHKLGLGLEFQA
;
_entity_poly.pdbx_strand_id   A,B
#
# COMPACT_ATOMS: atom_id res chain seq x y z
N MET A 13 -14.43 -11.53 -17.66
CA MET A 13 -15.55 -10.66 -17.33
C MET A 13 -15.73 -10.53 -15.82
N ALA A 14 -16.98 -10.63 -15.37
CA ALA A 14 -17.31 -10.52 -13.95
C ALA A 14 -17.20 -11.86 -13.22
N VAL A 15 -16.69 -12.89 -13.87
CA VAL A 15 -16.58 -14.21 -13.23
C VAL A 15 -15.54 -14.12 -12.11
N PRO A 16 -15.87 -14.56 -10.89
CA PRO A 16 -14.90 -14.51 -9.80
C PRO A 16 -13.84 -15.58 -9.96
N PRO A 17 -12.59 -15.26 -9.64
CA PRO A 17 -11.51 -16.24 -9.77
C PRO A 17 -11.53 -17.23 -8.62
N THR A 18 -10.65 -18.22 -8.71
CA THR A 18 -10.52 -19.22 -7.65
C THR A 18 -9.83 -18.60 -6.43
N TYR A 19 -10.04 -19.23 -5.27
CA TYR A 19 -9.43 -18.75 -4.04
C TYR A 19 -7.90 -18.70 -4.14
N ALA A 20 -7.30 -19.63 -4.87
CA ALA A 20 -5.86 -19.63 -5.06
C ALA A 20 -5.41 -18.68 -6.17
N ASP A 21 -6.34 -18.01 -6.85
CA ASP A 21 -5.99 -17.11 -7.94
C ASP A 21 -6.41 -15.67 -7.69
N LEU A 22 -7.01 -15.36 -6.55
CA LEU A 22 -7.34 -13.97 -6.23
C LEU A 22 -6.10 -13.26 -5.70
N GLY A 23 -5.92 -12.01 -6.12
CA GLY A 23 -4.67 -11.32 -5.84
C GLY A 23 -3.51 -11.84 -6.64
N LYS A 24 -3.76 -12.38 -7.82
CA LYS A 24 -2.71 -12.99 -8.62
C LYS A 24 -1.85 -11.94 -9.34
N SER A 25 -2.48 -10.87 -9.84
CA SER A 25 -1.73 -9.87 -10.58
C SER A 25 -0.67 -9.19 -9.71
N ALA A 26 -1.01 -8.89 -8.46
CA ALA A 26 -0.02 -8.35 -7.54
C ALA A 26 1.06 -9.37 -7.22
N ARG A 27 0.70 -10.66 -7.19
CA ARG A 27 1.69 -11.70 -6.93
C ARG A 27 2.58 -11.92 -8.15
N ASP A 28 2.04 -11.79 -9.35
CA ASP A 28 2.83 -11.99 -10.57
C ASP A 28 3.84 -10.88 -10.80
N VAL A 29 3.60 -9.67 -10.27
CA VAL A 29 4.61 -8.63 -10.34
C VAL A 29 5.82 -9.00 -9.49
N PHE A 30 5.60 -9.75 -8.41
CA PHE A 30 6.70 -10.15 -7.54
C PHE A 30 7.43 -11.38 -8.04
N THR A 31 6.73 -12.31 -8.69
CA THR A 31 7.29 -13.61 -9.05
C THR A 31 7.69 -13.70 -10.52
N LYS A 32 6.82 -13.30 -11.43
CA LYS A 32 7.10 -13.44 -12.85
C LYS A 32 8.24 -12.54 -13.28
N GLY A 33 9.10 -13.05 -14.15
CA GLY A 33 10.21 -12.28 -14.68
C GLY A 33 11.50 -12.38 -13.89
N TYR A 34 11.59 -13.27 -12.91
CA TYR A 34 12.78 -13.43 -12.09
C TYR A 34 13.25 -14.87 -12.13
N GLY A 35 14.52 -15.08 -12.47
CA GLY A 35 15.15 -16.37 -12.37
C GLY A 35 16.44 -16.27 -11.58
N PHE A 36 16.43 -16.75 -10.34
CA PHE A 36 17.56 -16.59 -9.43
C PHE A 36 18.33 -17.90 -9.32
N GLY A 37 19.64 -17.82 -9.49
CA GLY A 37 20.52 -18.97 -9.32
C GLY A 37 20.17 -20.15 -10.20
N LEU A 38 19.69 -19.90 -11.42
CA LEU A 38 19.26 -20.95 -12.32
C LEU A 38 19.61 -20.59 -13.75
N ILE A 39 20.08 -21.58 -14.51
CA ILE A 39 20.27 -21.46 -15.94
C ILE A 39 19.12 -22.23 -16.59
N LYS A 40 18.11 -21.51 -17.05
CA LYS A 40 16.89 -22.12 -17.58
C LYS A 40 16.89 -22.02 -19.10
N LEU A 41 16.87 -23.17 -19.76
CA LEU A 41 16.74 -23.26 -21.22
C LEU A 41 15.52 -24.11 -21.53
N ASP A 42 14.46 -23.47 -22.02
CA ASP A 42 13.22 -24.15 -22.36
C ASP A 42 12.97 -24.07 -23.86
N LEU A 43 12.26 -25.06 -24.37
CA LEU A 43 11.88 -25.11 -25.78
C LEU A 43 10.41 -25.51 -25.87
N LYS A 44 9.59 -24.62 -26.43
CA LYS A 44 8.17 -24.87 -26.61
C LYS A 44 7.88 -25.23 -28.06
N THR A 45 7.00 -26.21 -28.26
CA THR A 45 6.66 -26.67 -29.59
C THR A 45 5.16 -26.92 -29.69
N LYS A 46 4.52 -26.28 -30.68
CA LYS A 46 3.10 -26.45 -30.95
C LYS A 46 2.97 -26.80 -32.43
N SER A 47 3.01 -28.11 -32.73
CA SER A 47 2.95 -28.54 -34.12
C SER A 47 1.56 -28.47 -34.70
N GLU A 48 0.52 -28.71 -33.89
CA GLU A 48 -0.85 -28.68 -34.35
C GLU A 48 -1.67 -27.84 -33.37
N ASN A 49 -2.99 -27.77 -33.60
CA ASN A 49 -3.84 -26.92 -32.79
C ASN A 49 -3.90 -27.37 -31.34
N GLY A 50 -3.90 -28.68 -31.10
CA GLY A 50 -4.06 -29.19 -29.77
C GLY A 50 -2.78 -29.65 -29.09
N LEU A 51 -1.91 -30.31 -29.84
CA LEU A 51 -0.70 -30.89 -29.26
C LEU A 51 0.33 -29.81 -28.96
N GLU A 52 0.88 -29.85 -27.75
CA GLU A 52 1.93 -28.94 -27.34
C GLU A 52 3.01 -29.72 -26.61
N PHE A 53 4.26 -29.53 -27.03
CA PHE A 53 5.41 -30.19 -26.42
C PHE A 53 6.31 -29.12 -25.78
N THR A 54 6.82 -29.43 -24.59
CA THR A 54 7.65 -28.48 -23.86
C THR A 54 8.71 -29.26 -23.09
N SER A 55 9.96 -29.11 -23.50
CA SER A 55 11.10 -29.70 -22.80
C SER A 55 11.98 -28.58 -22.25
N SER A 56 12.33 -28.68 -20.97
CA SER A 56 13.08 -27.65 -20.28
C SER A 56 14.34 -28.24 -19.67
N GLY A 57 15.41 -27.45 -19.65
CA GLY A 57 16.65 -27.86 -19.03
C GLY A 57 17.20 -26.79 -18.10
N SER A 58 17.24 -27.09 -16.80
CA SER A 58 17.68 -26.14 -15.80
C SER A 58 18.89 -26.68 -15.06
N ALA A 59 19.76 -25.77 -14.62
CA ALA A 59 20.96 -26.11 -13.88
C ALA A 59 21.07 -25.20 -12.67
N ASN A 60 21.08 -25.79 -11.48
CA ASN A 60 21.18 -25.01 -10.25
C ASN A 60 22.57 -24.42 -10.10
N THR A 61 22.63 -23.23 -9.49
CA THR A 61 23.90 -22.54 -9.27
C THR A 61 24.52 -22.90 -7.93
N GLU A 62 23.70 -23.01 -6.87
CA GLU A 62 24.24 -23.27 -5.55
C GLU A 62 24.60 -24.73 -5.36
N THR A 63 23.82 -25.65 -5.93
CA THR A 63 24.03 -27.07 -5.76
C THR A 63 24.54 -27.79 -7.00
N THR A 64 24.58 -27.10 -8.15
CA THR A 64 25.03 -27.68 -9.42
C THR A 64 24.26 -28.97 -9.74
N LYS A 65 22.93 -28.86 -9.70
CA LYS A 65 22.03 -29.99 -9.97
C LYS A 65 21.32 -29.74 -11.29
N VAL A 66 21.73 -30.46 -12.33
CA VAL A 66 21.10 -30.35 -13.64
C VAL A 66 19.78 -31.10 -13.61
N THR A 67 18.70 -30.43 -14.02
CA THR A 67 17.37 -31.01 -14.01
C THR A 67 16.72 -30.77 -15.36
N GLY A 68 16.35 -31.85 -16.05
CA GLY A 68 15.71 -31.76 -17.33
C GLY A 68 14.30 -32.34 -17.32
N SER A 69 13.32 -31.54 -17.76
CA SER A 69 11.93 -31.95 -17.75
C SER A 69 11.40 -32.09 -19.17
N LEU A 70 10.35 -32.90 -19.31
CA LEU A 70 9.70 -33.13 -20.59
C LEU A 70 8.20 -33.19 -20.36
N GLU A 71 7.47 -32.25 -20.94
CA GLU A 71 6.02 -32.15 -20.76
C GLU A 71 5.33 -32.32 -22.11
N THR A 72 4.27 -33.14 -22.12
CA THR A 72 3.44 -33.34 -23.30
C THR A 72 2.00 -32.96 -22.94
N LYS A 73 1.45 -32.00 -23.67
CA LYS A 73 0.12 -31.47 -23.40
C LYS A 73 -0.69 -31.47 -24.69
N TYR A 74 -1.84 -32.14 -24.66
CA TYR A 74 -2.76 -32.16 -25.79
C TYR A 74 -4.12 -31.65 -25.34
N ARG A 75 -4.79 -30.90 -26.21
CA ARG A 75 -6.08 -30.31 -25.92
C ARG A 75 -7.11 -30.82 -26.92
N TRP A 76 -8.22 -31.34 -26.40
CA TRP A 76 -9.36 -31.73 -27.22
C TRP A 76 -10.38 -30.59 -27.16
N THR A 77 -10.46 -29.81 -28.23
CA THR A 77 -11.27 -28.60 -28.21
C THR A 77 -12.77 -28.89 -28.29
N GLU A 78 -13.16 -29.91 -29.05
CA GLU A 78 -14.58 -30.19 -29.23
C GLU A 78 -15.19 -30.79 -27.97
N TYR A 79 -14.58 -31.86 -27.45
CA TYR A 79 -15.11 -32.56 -26.30
C TYR A 79 -14.72 -31.92 -24.97
N GLY A 80 -13.95 -30.84 -24.99
CA GLY A 80 -13.54 -30.19 -23.76
C GLY A 80 -12.51 -30.94 -22.95
N LEU A 81 -11.98 -32.04 -23.49
CA LEU A 81 -10.96 -32.82 -22.78
C LEU A 81 -9.60 -32.13 -22.88
N THR A 82 -8.81 -32.29 -21.83
CA THR A 82 -7.46 -31.72 -21.78
C THR A 82 -6.56 -32.71 -21.05
N PHE A 83 -5.49 -33.13 -21.72
CA PHE A 83 -4.51 -34.06 -21.14
C PHE A 83 -3.19 -33.34 -20.92
N THR A 84 -2.57 -33.60 -19.76
CA THR A 84 -1.29 -33.01 -19.42
C THR A 84 -0.46 -34.05 -18.70
N GLU A 85 0.79 -34.22 -19.14
CA GLU A 85 1.70 -35.19 -18.55
C GLU A 85 3.09 -34.59 -18.49
N LYS A 86 3.77 -34.79 -17.36
CA LYS A 86 5.10 -34.24 -17.14
C LYS A 86 6.07 -35.35 -16.77
N TRP A 87 7.32 -35.19 -17.22
CA TRP A 87 8.40 -36.13 -16.91
C TRP A 87 9.63 -35.34 -16.51
N ASN A 88 10.44 -35.92 -15.63
CA ASN A 88 11.62 -35.25 -15.10
C ASN A 88 12.77 -36.24 -15.04
N THR A 89 13.99 -35.69 -14.96
CA THR A 89 15.17 -36.55 -14.82
C THR A 89 15.17 -37.30 -13.50
N ASP A 90 14.59 -36.73 -12.46
CA ASP A 90 14.47 -37.39 -11.16
C ASP A 90 13.30 -38.35 -11.10
N ASN A 91 12.76 -38.77 -12.24
CA ASN A 91 11.64 -39.70 -12.32
C ASN A 91 10.42 -39.20 -11.56
N THR A 92 10.27 -37.88 -11.44
CA THR A 92 9.11 -37.27 -10.79
C THR A 92 8.01 -37.12 -11.84
N LEU A 93 7.21 -38.18 -11.99
CA LEU A 93 6.20 -38.24 -13.02
C LEU A 93 4.90 -37.60 -12.53
N GLY A 94 4.25 -36.86 -13.44
CA GLY A 94 2.98 -36.23 -13.13
C GLY A 94 2.02 -36.31 -14.29
N THR A 95 0.74 -36.54 -14.01
CA THR A 95 -0.28 -36.67 -15.04
C THR A 95 -1.54 -35.91 -14.60
N GLU A 96 -2.19 -35.25 -15.56
CA GLU A 96 -3.39 -34.49 -15.29
C GLU A 96 -4.37 -34.64 -16.44
N ILE A 97 -5.65 -34.86 -16.10
CA ILE A 97 -6.73 -34.92 -17.07
C ILE A 97 -7.76 -33.87 -16.66
N THR A 98 -8.13 -33.00 -17.60
CA THR A 98 -9.06 -31.91 -17.35
C THR A 98 -10.21 -31.98 -18.34
N VAL A 99 -11.42 -32.19 -17.83
CA VAL A 99 -12.64 -32.18 -18.63
C VAL A 99 -13.41 -30.92 -18.28
N GLU A 100 -13.63 -30.06 -19.28
CA GLU A 100 -14.21 -28.74 -19.06
C GLU A 100 -15.48 -28.59 -19.88
N ASP A 101 -16.54 -28.09 -19.23
CA ASP A 101 -17.81 -27.75 -19.88
C ASP A 101 -18.46 -28.97 -20.53
N GLN A 102 -18.23 -30.16 -19.98
CA GLN A 102 -18.95 -31.34 -20.46
C GLN A 102 -20.38 -31.35 -19.94
N LEU A 103 -20.57 -31.05 -18.66
CA LEU A 103 -21.89 -30.90 -18.09
C LEU A 103 -22.38 -29.46 -18.28
N ALA A 104 -23.63 -29.23 -17.90
CA ALA A 104 -24.28 -27.95 -18.16
C ALA A 104 -23.76 -26.85 -17.24
N ARG A 105 -23.66 -25.64 -17.79
CA ARG A 105 -23.39 -24.41 -17.04
C ARG A 105 -22.01 -24.45 -16.38
N GLY A 106 -20.99 -24.41 -17.24
CA GLY A 106 -19.61 -24.19 -16.84
C GLY A 106 -19.07 -25.07 -15.72
N LEU A 107 -19.06 -26.38 -15.94
CA LEU A 107 -18.47 -27.31 -14.99
C LEU A 107 -17.10 -27.74 -15.47
N LYS A 108 -16.27 -28.19 -14.53
CA LYS A 108 -14.93 -28.66 -14.85
C LYS A 108 -14.52 -29.73 -13.85
N LEU A 109 -14.16 -30.90 -14.35
CA LEU A 109 -13.64 -31.99 -13.53
C LEU A 109 -12.19 -32.24 -13.91
N THR A 110 -11.33 -32.34 -12.90
CA THR A 110 -9.89 -32.52 -13.12
C THR A 110 -9.40 -33.70 -12.30
N PHE A 111 -8.51 -34.50 -12.89
CA PHE A 111 -7.87 -35.63 -12.22
C PHE A 111 -6.37 -35.41 -12.26
N ASP A 112 -5.78 -35.16 -11.09
CA ASP A 112 -4.35 -34.92 -10.95
C ASP A 112 -3.69 -36.14 -10.33
N SER A 113 -2.41 -36.33 -10.63
CA SER A 113 -1.65 -37.44 -10.09
C SER A 113 -0.16 -37.12 -10.19
N SER A 114 0.57 -37.32 -9.11
CA SER A 114 2.00 -37.06 -9.06
C SER A 114 2.70 -38.23 -8.39
N PHE A 115 3.74 -38.74 -9.04
CA PHE A 115 4.54 -39.85 -8.52
C PHE A 115 6.00 -39.44 -8.47
N SER A 116 6.69 -39.88 -7.40
CA SER A 116 8.08 -39.54 -7.20
C SER A 116 8.79 -40.72 -6.54
N PRO A 117 10.06 -40.96 -6.89
CA PRO A 117 10.79 -42.10 -6.31
C PRO A 117 11.32 -41.77 -4.93
N ASN A 118 10.95 -42.62 -3.95
CA ASN A 118 11.51 -42.61 -2.59
C ASN A 118 11.13 -41.38 -1.79
N THR A 119 10.79 -40.27 -2.45
CA THR A 119 10.36 -39.08 -1.71
C THR A 119 9.05 -39.33 -0.96
N GLY A 120 8.33 -40.38 -1.31
CA GLY A 120 7.09 -40.71 -0.63
C GLY A 120 5.85 -40.09 -1.24
N LYS A 121 5.88 -39.75 -2.52
CA LYS A 121 4.76 -39.09 -3.18
C LYS A 121 4.10 -40.07 -4.14
N LYS A 122 2.94 -40.58 -3.73
CA LYS A 122 2.07 -41.38 -4.59
C LYS A 122 0.69 -40.74 -4.69
N ASN A 123 0.65 -39.40 -4.63
CA ASN A 123 -0.59 -38.68 -4.46
C ASN A 123 -1.32 -38.50 -5.78
N ALA A 124 -2.65 -38.62 -5.72
CA ALA A 124 -3.53 -38.30 -6.82
C ALA A 124 -4.79 -37.67 -6.25
N LYS A 125 -5.40 -36.76 -7.00
CA LYS A 125 -6.56 -36.04 -6.50
C LYS A 125 -7.55 -35.79 -7.62
N ILE A 126 -8.80 -35.57 -7.23
CA ILE A 126 -9.90 -35.27 -8.14
C ILE A 126 -10.43 -33.89 -7.79
N LYS A 127 -10.29 -32.96 -8.73
CA LYS A 127 -10.73 -31.58 -8.54
C LYS A 127 -12.07 -31.36 -9.23
N THR A 128 -12.89 -30.51 -8.61
CA THR A 128 -14.22 -30.18 -9.13
C THR A 128 -14.47 -28.69 -8.95
N GLY A 129 -14.81 -28.02 -10.04
CA GLY A 129 -15.04 -26.59 -9.99
C GLY A 129 -16.34 -26.20 -10.68
N TYR A 130 -16.97 -25.17 -10.14
CA TYR A 130 -18.22 -24.63 -10.68
C TYR A 130 -18.08 -23.12 -10.79
N LYS A 131 -18.46 -22.57 -11.95
CA LYS A 131 -18.29 -21.16 -12.25
C LYS A 131 -19.60 -20.55 -12.74
N ARG A 132 -19.83 -19.30 -12.37
CA ARG A 132 -20.99 -18.55 -12.82
C ARG A 132 -20.63 -17.06 -12.78
N GLU A 133 -21.66 -16.20 -12.81
CA GLU A 133 -21.42 -14.76 -12.83
C GLU A 133 -20.81 -14.27 -11.53
N HIS A 134 -21.33 -14.74 -10.40
CA HIS A 134 -20.88 -14.28 -9.10
C HIS A 134 -20.37 -15.38 -8.18
N ILE A 135 -20.49 -16.65 -8.57
CA ILE A 135 -20.10 -17.76 -7.71
C ILE A 135 -18.96 -18.52 -8.39
N ASN A 136 -17.97 -18.91 -7.59
CA ASN A 136 -16.89 -19.79 -8.03
C ASN A 136 -16.64 -20.78 -6.91
N LEU A 137 -16.92 -22.05 -7.18
CA LEU A 137 -16.86 -23.11 -6.18
C LEU A 137 -15.80 -24.12 -6.58
N GLY A 138 -15.08 -24.64 -5.59
CA GLY A 138 -14.06 -25.64 -5.85
C GLY A 138 -14.10 -26.73 -4.81
N CYS A 139 -13.79 -27.95 -5.26
CA CYS A 139 -13.77 -29.11 -4.38
C CYS A 139 -12.61 -30.01 -4.79
N ASP A 140 -11.71 -30.26 -3.85
CA ASP A 140 -10.56 -31.13 -4.08
C ASP A 140 -10.67 -32.37 -3.19
N MET A 141 -10.09 -33.48 -3.68
CA MET A 141 -10.12 -34.77 -2.97
C MET A 141 -8.71 -35.37 -3.05
N ASP A 142 -7.84 -34.93 -2.15
CA ASP A 142 -6.47 -35.44 -2.12
C ASP A 142 -6.44 -36.86 -1.57
N PHE A 143 -5.69 -37.73 -2.24
CA PHE A 143 -5.52 -39.12 -1.82
C PHE A 143 -4.11 -39.38 -1.32
N ASP A 144 -3.57 -38.45 -0.53
CA ASP A 144 -2.25 -38.63 0.04
C ASP A 144 -2.23 -39.86 0.95
N ILE A 145 -1.16 -40.65 0.84
CA ILE A 145 -1.06 -41.88 1.61
C ILE A 145 -1.09 -41.58 3.11
N ALA A 146 -0.48 -40.46 3.51
CA ALA A 146 -0.50 -40.07 4.92
C ALA A 146 -1.91 -39.83 5.42
N GLY A 147 -2.81 -39.36 4.56
CA GLY A 147 -4.18 -39.12 4.95
C GLY A 147 -4.97 -38.38 3.89
N PRO A 148 -6.10 -38.93 3.48
CA PRO A 148 -6.98 -38.23 2.54
C PRO A 148 -7.60 -37.00 3.17
N SER A 149 -8.01 -36.07 2.32
CA SER A 149 -8.58 -34.82 2.79
C SER A 149 -9.40 -34.19 1.66
N ILE A 150 -10.42 -33.44 2.05
CA ILE A 150 -11.28 -32.71 1.12
C ILE A 150 -11.01 -31.22 1.31
N ARG A 151 -10.83 -30.51 0.21
CA ARG A 151 -10.64 -29.06 0.21
C ARG A 151 -11.83 -28.39 -0.46
N GLY A 152 -12.42 -27.41 0.23
CA GLY A 152 -13.53 -26.67 -0.31
C GLY A 152 -13.22 -25.21 -0.54
N ALA A 153 -13.50 -24.73 -1.75
CA ALA A 153 -13.22 -23.34 -2.12
C ALA A 153 -14.53 -22.64 -2.46
N LEU A 154 -14.73 -21.46 -1.89
CA LEU A 154 -15.92 -20.66 -2.12
C LEU A 154 -15.50 -19.21 -2.29
N VAL A 155 -15.91 -18.59 -3.40
CA VAL A 155 -15.54 -17.21 -3.72
C VAL A 155 -16.79 -16.45 -4.14
N LEU A 156 -17.11 -15.38 -3.42
CA LEU A 156 -18.22 -14.51 -3.75
C LEU A 156 -17.70 -13.24 -4.41
N GLY A 157 -18.44 -12.74 -5.38
CA GLY A 157 -18.02 -11.54 -6.10
C GLY A 157 -19.15 -10.73 -6.69
N TYR A 158 -19.16 -9.42 -6.44
CA TYR A 158 -20.21 -8.56 -6.98
C TYR A 158 -19.70 -7.12 -6.95
N GLU A 159 -19.78 -6.44 -8.10
CA GLU A 159 -19.39 -5.04 -8.23
C GLU A 159 -17.93 -4.83 -7.82
N GLY A 160 -17.06 -5.73 -8.25
CA GLY A 160 -15.64 -5.64 -7.96
C GLY A 160 -15.24 -6.04 -6.55
N TRP A 161 -16.20 -6.29 -5.66
CA TRP A 161 -15.90 -6.72 -4.31
C TRP A 161 -15.89 -8.24 -4.24
N LEU A 162 -14.82 -8.79 -3.65
CA LEU A 162 -14.64 -10.23 -3.56
C LEU A 162 -14.69 -10.68 -2.10
N ALA A 163 -15.08 -11.93 -1.91
CA ALA A 163 -15.12 -12.55 -0.59
C ALA A 163 -14.93 -14.05 -0.77
N GLY A 164 -13.91 -14.60 -0.12
CA GLY A 164 -13.57 -15.99 -0.31
C GLY A 164 -13.30 -16.70 1.00
N TYR A 165 -13.62 -17.99 1.02
CA TYR A 165 -13.35 -18.84 2.17
C TYR A 165 -12.88 -20.20 1.68
N GLN A 166 -11.79 -20.69 2.26
CA GLN A 166 -11.23 -21.99 1.90
C GLN A 166 -11.16 -22.86 3.15
N MET A 167 -11.51 -24.13 2.99
CA MET A 167 -11.56 -25.08 4.10
C MET A 167 -10.98 -26.41 3.64
N ASN A 168 -10.11 -27.00 4.46
CA ASN A 168 -9.53 -28.31 4.19
C ASN A 168 -9.82 -29.22 5.37
N PHE A 169 -10.64 -30.24 5.14
CA PHE A 169 -11.00 -31.22 6.16
C PHE A 169 -10.22 -32.50 5.93
N GLU A 170 -9.40 -32.87 6.92
CA GLU A 170 -8.58 -34.07 6.84
C GLU A 170 -9.35 -35.23 7.46
N THR A 171 -9.72 -36.21 6.63
CA THR A 171 -10.52 -37.33 7.12
C THR A 171 -9.71 -38.23 8.05
N ALA A 172 -8.40 -38.32 7.85
CA ALA A 172 -7.57 -39.13 8.74
C ALA A 172 -7.59 -38.59 10.17
N LYS A 173 -7.74 -37.27 10.33
CA LYS A 173 -7.80 -36.64 11.63
C LYS A 173 -9.22 -36.28 12.04
N SER A 174 -10.19 -36.35 11.12
CA SER A 174 -11.59 -36.09 11.41
C SER A 174 -11.80 -34.68 11.97
N ARG A 175 -11.13 -33.70 11.37
CA ARG A 175 -11.30 -32.31 11.74
C ARG A 175 -10.75 -31.43 10.64
N VAL A 176 -11.19 -30.18 10.62
CA VAL A 176 -10.70 -29.19 9.67
C VAL A 176 -9.33 -28.71 10.14
N THR A 177 -8.32 -28.87 9.29
CA THR A 177 -6.96 -28.51 9.63
C THR A 177 -6.57 -27.10 9.21
N GLN A 178 -7.35 -26.46 8.34
CA GLN A 178 -7.09 -25.08 7.95
C GLN A 178 -8.39 -24.44 7.48
N SER A 179 -8.57 -23.17 7.84
CA SER A 179 -9.75 -22.40 7.44
C SER A 179 -9.30 -20.98 7.15
N ASN A 180 -9.27 -20.62 5.87
CA ASN A 180 -8.75 -19.34 5.42
C ASN A 180 -9.88 -18.46 4.90
N PHE A 181 -9.91 -17.21 5.35
CA PHE A 181 -10.83 -16.20 4.84
C PHE A 181 -10.07 -15.22 3.95
N ALA A 182 -10.82 -14.54 3.08
CA ALA A 182 -10.22 -13.58 2.16
C ALA A 182 -11.28 -12.60 1.70
N VAL A 183 -11.01 -11.31 1.89
CA VAL A 183 -11.87 -10.23 1.41
C VAL A 183 -11.02 -9.29 0.57
N GLY A 184 -11.55 -8.88 -0.59
CA GLY A 184 -10.78 -8.03 -1.49
C GLY A 184 -11.67 -7.17 -2.36
N TYR A 185 -11.01 -6.24 -3.06
CA TYR A 185 -11.67 -5.32 -3.99
C TYR A 185 -10.69 -5.02 -5.12
N LYS A 186 -11.21 -4.97 -6.34
CA LYS A 186 -10.34 -4.83 -7.50
C LYS A 186 -11.07 -4.09 -8.62
N THR A 187 -10.29 -3.43 -9.46
CA THR A 187 -10.83 -2.63 -10.55
C THR A 187 -10.05 -3.06 -11.80
N ASP A 188 -10.03 -2.20 -12.83
CA ASP A 188 -9.26 -2.51 -14.03
C ASP A 188 -7.76 -2.32 -13.80
N GLU A 189 -7.39 -1.31 -13.01
CA GLU A 189 -5.99 -0.98 -12.77
C GLU A 189 -5.65 -0.90 -11.28
N PHE A 190 -6.55 -1.32 -10.40
CA PHE A 190 -6.28 -1.30 -8.96
C PHE A 190 -6.92 -2.51 -8.32
N GLN A 191 -6.16 -3.17 -7.44
CA GLN A 191 -6.64 -4.36 -6.73
C GLN A 191 -6.13 -4.33 -5.29
N LEU A 192 -7.05 -4.46 -4.34
CA LEU A 192 -6.71 -4.55 -2.92
C LEU A 192 -7.27 -5.84 -2.36
N HIS A 193 -6.42 -6.62 -1.70
CA HIS A 193 -6.80 -7.93 -1.19
C HIS A 193 -6.32 -8.09 0.25
N THR A 194 -7.08 -8.84 1.03
CA THR A 194 -6.79 -9.08 2.43
C THR A 194 -6.99 -10.57 2.72
N ASN A 195 -6.03 -11.17 3.44
CA ASN A 195 -6.05 -12.59 3.72
C ASN A 195 -5.76 -12.83 5.20
N VAL A 196 -6.52 -13.75 5.80
CA VAL A 196 -6.27 -14.21 7.16
C VAL A 196 -6.33 -15.74 7.15
N ASN A 197 -5.31 -16.37 7.73
CA ASN A 197 -5.19 -17.82 7.74
C ASN A 197 -5.13 -18.32 9.18
N ASP A 198 -6.10 -19.16 9.55
CA ASP A 198 -6.12 -19.82 10.85
C ASP A 198 -6.13 -18.83 12.01
N GLY A 199 -6.61 -17.61 11.76
CA GLY A 199 -6.73 -16.60 12.79
C GLY A 199 -5.44 -15.97 13.25
N THR A 200 -4.28 -16.55 12.91
CA THR A 200 -2.99 -16.02 13.33
C THR A 200 -2.14 -15.51 12.19
N GLU A 201 -2.36 -15.96 10.96
CA GLU A 201 -1.57 -15.55 9.80
C GLU A 201 -2.37 -14.54 8.99
N PHE A 202 -1.86 -13.32 8.87
CA PHE A 202 -2.53 -12.24 8.16
C PHE A 202 -1.71 -11.80 6.96
N GLY A 203 -2.38 -11.16 6.01
CA GLY A 203 -1.71 -10.70 4.81
C GLY A 203 -2.54 -9.68 4.06
N GLY A 204 -1.88 -8.96 3.16
CA GLY A 204 -2.52 -7.97 2.34
C GLY A 204 -1.68 -7.57 1.14
N SER A 205 -2.32 -7.36 -0.01
CA SER A 205 -1.62 -6.99 -1.23
C SER A 205 -2.38 -5.86 -1.93
N ILE A 206 -1.62 -4.92 -2.47
CA ILE A 206 -2.18 -3.76 -3.18
C ILE A 206 -1.56 -3.76 -4.57
N TYR A 207 -2.37 -4.01 -5.59
CA TYR A 207 -1.93 -3.92 -6.97
C TYR A 207 -2.35 -2.57 -7.54
N GLN A 208 -1.42 -1.92 -8.24
CA GLN A 208 -1.68 -0.62 -8.86
C GLN A 208 -0.96 -0.55 -10.19
N LYS A 209 -1.67 -0.17 -11.25
CA LYS A 209 -1.09 0.03 -12.57
C LYS A 209 -1.01 1.53 -12.81
N VAL A 210 0.22 2.05 -12.94
CA VAL A 210 0.41 3.49 -13.00
C VAL A 210 0.14 4.02 -14.40
N ASN A 211 0.64 3.35 -15.43
CA ASN A 211 0.62 3.90 -16.78
C ASN A 211 0.25 2.78 -17.75
N LYS A 212 0.59 3.00 -19.03
CA LYS A 212 0.33 1.99 -20.05
C LYS A 212 1.04 0.69 -19.73
N LYS A 213 2.29 0.78 -19.27
CA LYS A 213 3.02 -0.38 -18.73
C LYS A 213 3.86 0.11 -17.54
N LEU A 214 3.19 0.26 -16.40
CA LEU A 214 3.88 0.42 -15.12
C LEU A 214 3.01 -0.25 -14.07
N GLU A 215 3.44 -1.42 -13.60
CA GLU A 215 2.71 -2.20 -12.61
C GLU A 215 3.39 -2.02 -11.25
N THR A 216 2.63 -1.55 -10.27
CA THR A 216 3.12 -1.37 -8.91
C THR A 216 2.39 -2.34 -7.98
N ALA A 217 3.16 -3.07 -7.18
CA ALA A 217 2.60 -4.05 -6.25
C ALA A 217 3.27 -3.91 -4.89
N VAL A 218 2.47 -3.97 -3.84
CA VAL A 218 2.95 -3.92 -2.47
C VAL A 218 2.40 -5.14 -1.74
N ASN A 219 3.29 -5.87 -1.05
CA ASN A 219 2.90 -7.06 -0.31
C ASN A 219 3.20 -6.85 1.17
N LEU A 220 2.27 -7.31 2.02
CA LEU A 220 2.42 -7.19 3.47
C LEU A 220 1.89 -8.46 4.11
N ALA A 221 2.67 -9.02 5.03
CA ALA A 221 2.30 -10.26 5.70
C ALA A 221 2.91 -10.28 7.10
N TRP A 222 2.13 -10.76 8.06
CA TRP A 222 2.59 -10.84 9.45
C TRP A 222 1.78 -11.91 10.16
N THR A 223 2.27 -12.32 11.31
CA THR A 223 1.61 -13.31 12.15
C THR A 223 1.09 -12.65 13.43
N ALA A 224 0.32 -13.42 14.20
CA ALA A 224 -0.26 -12.91 15.42
C ALA A 224 0.82 -12.48 16.40
N GLY A 225 0.58 -11.36 17.07
CA GLY A 225 1.57 -10.81 17.99
C GLY A 225 2.61 -9.92 17.34
N ASN A 226 2.33 -9.35 16.17
CA ASN A 226 3.26 -8.49 15.46
C ASN A 226 4.59 -9.21 15.22
N SER A 227 4.50 -10.46 14.79
CA SER A 227 5.67 -11.29 14.56
C SER A 227 5.75 -11.70 13.08
N ASN A 228 6.95 -12.11 12.69
CA ASN A 228 7.21 -12.58 11.31
C ASN A 228 6.77 -11.55 10.28
N THR A 229 6.98 -10.27 10.60
CA THR A 229 6.56 -9.19 9.72
C THR A 229 7.43 -9.19 8.47
N ARG A 230 6.78 -9.29 7.31
CA ARG A 230 7.47 -9.32 6.02
C ARG A 230 6.71 -8.42 5.06
N PHE A 231 7.35 -7.35 4.60
CA PHE A 231 6.73 -6.44 3.65
C PHE A 231 7.73 -6.06 2.57
N GLY A 232 7.22 -5.68 1.41
CA GLY A 232 8.06 -5.31 0.29
C GLY A 232 7.26 -4.64 -0.79
N ILE A 233 7.95 -4.31 -1.88
CA ILE A 233 7.35 -3.63 -3.02
C ILE A 233 8.03 -4.12 -4.29
N ALA A 234 7.26 -4.19 -5.38
CA ALA A 234 7.78 -4.65 -6.66
C ALA A 234 7.24 -3.76 -7.77
N ALA A 235 7.93 -3.82 -8.91
CA ALA A 235 7.53 -3.05 -10.08
C ALA A 235 7.93 -3.82 -11.34
N LYS A 236 7.23 -3.51 -12.45
CA LYS A 236 7.45 -4.18 -13.74
C LYS A 236 7.28 -3.13 -14.83
N TYR A 237 8.34 -2.35 -15.07
CA TYR A 237 8.34 -1.33 -16.10
C TYR A 237 8.93 -1.89 -17.39
N GLN A 238 8.24 -1.66 -18.51
CA GLN A 238 8.78 -1.98 -19.82
C GLN A 238 9.22 -0.69 -20.51
N ILE A 239 10.35 -0.76 -21.21
CA ILE A 239 10.90 0.39 -21.90
C ILE A 239 10.62 0.22 -23.39
N ASP A 240 10.48 -1.03 -23.82
CA ASP A 240 10.20 -1.38 -25.20
C ASP A 240 9.05 -2.38 -25.25
N PRO A 241 8.30 -2.40 -26.35
CA PRO A 241 7.25 -3.42 -26.49
C PRO A 241 7.80 -4.85 -26.48
N ASP A 242 9.11 -5.02 -26.65
CA ASP A 242 9.74 -6.33 -26.64
C ASP A 242 10.65 -6.54 -25.44
N ALA A 243 10.82 -5.52 -24.59
CA ALA A 243 11.71 -5.61 -23.45
C ALA A 243 10.94 -5.31 -22.16
N CYS A 244 11.19 -6.10 -21.12
CA CYS A 244 10.57 -5.93 -19.83
C CYS A 244 11.64 -5.85 -18.75
N PHE A 245 11.47 -4.92 -17.82
CA PHE A 245 12.41 -4.72 -16.72
C PHE A 245 11.65 -4.79 -15.40
N SER A 246 12.23 -5.47 -14.42
CA SER A 246 11.57 -5.72 -13.15
C SER A 246 12.53 -5.46 -11.99
N ALA A 247 11.99 -4.93 -10.90
CA ALA A 247 12.76 -4.67 -9.70
C ALA A 247 11.85 -4.83 -8.49
N LYS A 248 12.43 -5.24 -7.36
CA LYS A 248 11.66 -5.44 -6.15
C LYS A 248 12.58 -5.38 -4.94
N VAL A 249 12.07 -4.82 -3.84
CA VAL A 249 12.80 -4.72 -2.58
C VAL A 249 11.88 -5.18 -1.47
N ASN A 250 12.48 -5.67 -0.37
CA ASN A 250 11.74 -6.06 0.82
C ASN A 250 12.47 -5.53 2.04
N ASN A 251 11.91 -5.80 3.22
CA ASN A 251 12.48 -5.30 4.47
C ASN A 251 13.76 -6.01 4.86
N SER A 252 14.08 -7.15 4.25
CA SER A 252 15.35 -7.82 4.45
C SER A 252 16.44 -7.29 3.52
N SER A 253 16.18 -6.18 2.83
CA SER A 253 17.13 -5.55 1.90
C SER A 253 17.49 -6.46 0.74
N LEU A 254 16.67 -7.47 0.45
CA LEU A 254 16.88 -8.34 -0.71
C LEU A 254 16.37 -7.63 -1.94
N ILE A 255 17.28 -7.16 -2.80
CA ILE A 255 16.93 -6.44 -4.01
C ILE A 255 17.01 -7.42 -5.18
N GLY A 256 15.89 -7.63 -5.85
CA GLY A 256 15.81 -8.52 -6.99
C GLY A 256 15.62 -7.72 -8.28
N LEU A 257 16.50 -7.96 -9.23
CA LEU A 257 16.46 -7.31 -10.53
C LEU A 257 16.18 -8.33 -11.62
N GLY A 258 15.52 -7.88 -12.68
CA GLY A 258 15.17 -8.76 -13.78
C GLY A 258 14.98 -8.03 -15.09
N TYR A 259 15.49 -8.60 -16.18
CA TYR A 259 15.40 -7.99 -17.50
C TYR A 259 14.98 -9.06 -18.50
N THR A 260 13.80 -8.92 -19.06
CA THR A 260 13.27 -9.87 -20.05
C THR A 260 13.25 -9.20 -21.43
N GLN A 261 13.89 -9.85 -22.39
CA GLN A 261 13.98 -9.33 -23.76
C GLN A 261 13.81 -10.48 -24.73
N THR A 262 12.91 -10.31 -25.70
CA THR A 262 12.75 -11.26 -26.79
C THR A 262 13.59 -10.78 -27.97
N LEU A 263 14.59 -11.58 -28.35
CA LEU A 263 15.53 -11.16 -29.38
C LEU A 263 14.96 -11.37 -30.78
N LYS A 264 14.15 -12.40 -30.98
CA LYS A 264 13.59 -12.70 -32.29
C LYS A 264 12.23 -13.33 -32.09
N PRO A 265 11.38 -13.38 -33.15
CA PRO A 265 10.02 -13.92 -33.03
C PRO A 265 9.84 -15.17 -32.17
N GLY A 266 10.87 -16.00 -32.04
CA GLY A 266 10.73 -17.23 -31.30
C GLY A 266 11.69 -17.41 -30.14
N ILE A 267 12.44 -16.36 -29.81
CA ILE A 267 13.49 -16.44 -28.80
C ILE A 267 13.18 -15.40 -27.71
N LYS A 268 13.31 -15.81 -26.45
CA LYS A 268 13.12 -14.94 -25.31
C LYS A 268 14.29 -15.13 -24.35
N LEU A 269 14.88 -14.02 -23.91
CA LEU A 269 16.02 -14.03 -23.01
C LEU A 269 15.67 -13.26 -21.74
N THR A 270 15.99 -13.83 -20.59
CA THR A 270 15.67 -13.23 -19.29
C THR A 270 16.94 -13.17 -18.44
N LEU A 271 17.37 -11.96 -18.12
CA LEU A 271 18.49 -11.73 -17.23
C LEU A 271 17.97 -11.27 -15.87
N SER A 272 18.50 -11.87 -14.80
CA SER A 272 18.04 -11.55 -13.45
C SER A 272 19.21 -11.63 -12.48
N ALA A 273 19.02 -11.02 -11.31
CA ALA A 273 20.05 -10.98 -10.29
C ALA A 273 19.42 -10.66 -8.96
N LEU A 274 19.91 -11.32 -7.90
CA LEU A 274 19.48 -11.07 -6.53
C LEU A 274 20.66 -10.51 -5.74
N LEU A 275 20.43 -9.41 -5.04
CA LEU A 275 21.47 -8.73 -4.28
C LEU A 275 21.04 -8.60 -2.83
N ASP A 276 21.95 -8.95 -1.91
CA ASP A 276 21.70 -8.85 -0.48
C ASP A 276 22.14 -7.48 -0.01
N GLY A 277 21.18 -6.63 0.34
CA GLY A 277 21.51 -5.30 0.81
C GLY A 277 22.11 -5.26 2.21
N LYS A 278 21.88 -6.31 3.01
CA LYS A 278 22.47 -6.38 4.33
C LYS A 278 24.00 -6.42 4.25
N ASN A 279 24.53 -7.46 3.61
CA ASN A 279 25.96 -7.61 3.39
C ASN A 279 26.20 -7.58 1.89
N VAL A 280 26.59 -6.41 1.37
CA VAL A 280 26.85 -6.29 -0.06
C VAL A 280 28.08 -7.10 -0.45
N ASN A 281 29.09 -7.11 0.42
CA ASN A 281 30.33 -7.84 0.16
C ASN A 281 30.16 -9.28 0.63
N ALA A 282 30.08 -10.21 -0.33
CA ALA A 282 29.96 -11.64 -0.06
C ALA A 282 28.74 -11.94 0.81
N GLY A 283 27.57 -11.50 0.31
CA GLY A 283 26.33 -11.73 1.01
C GLY A 283 25.47 -12.79 0.35
N GLY A 284 26.10 -13.65 -0.44
CA GLY A 284 25.38 -14.71 -1.13
C GLY A 284 24.51 -14.21 -2.25
N HIS A 285 25.06 -13.32 -3.08
CA HIS A 285 24.31 -12.81 -4.22
C HIS A 285 24.17 -13.87 -5.30
N LYS A 286 23.11 -13.77 -6.08
CA LYS A 286 22.75 -14.79 -7.06
C LYS A 286 22.54 -14.17 -8.43
N LEU A 287 22.99 -14.87 -9.45
CA LEU A 287 22.76 -14.51 -10.84
C LEU A 287 21.98 -15.62 -11.53
N GLY A 288 21.14 -15.24 -12.47
CA GLY A 288 20.30 -16.20 -13.18
C GLY A 288 20.18 -15.86 -14.64
N LEU A 289 19.92 -16.90 -15.44
CA LEU A 289 19.79 -16.76 -16.88
C LEU A 289 18.60 -17.61 -17.35
N GLY A 290 17.86 -17.07 -18.32
CA GLY A 290 16.70 -17.77 -18.83
C GLY A 290 16.52 -17.63 -20.32
N LEU A 291 16.53 -18.75 -21.04
CA LEU A 291 16.31 -18.77 -22.48
C LEU A 291 15.06 -19.59 -22.78
N GLU A 292 14.11 -18.98 -23.49
CA GLU A 292 12.85 -19.63 -23.84
C GLU A 292 12.67 -19.53 -25.35
N PHE A 293 12.94 -20.64 -26.05
CA PHE A 293 12.77 -20.71 -27.49
C PHE A 293 11.36 -21.17 -27.83
N GLN A 294 10.80 -20.56 -28.88
CA GLN A 294 9.45 -20.87 -29.36
C GLN A 294 9.55 -21.59 -30.69
N ALA A 295 8.97 -22.79 -30.77
CA ALA A 295 9.00 -23.58 -31.99
C ALA A 295 7.80 -24.52 -32.05
N MET B 13 -0.07 26.23 -8.40
CA MET B 13 -0.28 24.89 -8.92
C MET B 13 1.05 24.13 -8.97
N ALA B 14 1.97 24.58 -9.81
CA ALA B 14 3.27 23.95 -9.95
C ALA B 14 4.19 24.23 -8.77
N VAL B 15 3.92 25.29 -8.02
CA VAL B 15 4.78 25.66 -6.88
C VAL B 15 4.69 24.58 -5.81
N PRO B 16 5.80 24.08 -5.27
CA PRO B 16 5.74 23.04 -4.25
C PRO B 16 5.53 23.65 -2.87
N PRO B 17 4.94 22.90 -1.95
CA PRO B 17 4.76 23.39 -0.59
C PRO B 17 6.02 23.17 0.25
N THR B 18 6.01 23.79 1.43
CA THR B 18 7.12 23.62 2.35
C THR B 18 7.11 22.22 2.96
N TYR B 19 8.18 21.89 3.70
CA TYR B 19 8.28 20.56 4.29
C TYR B 19 7.21 20.35 5.36
N ALA B 20 6.77 21.41 6.03
CA ALA B 20 5.72 21.30 7.02
C ALA B 20 4.33 21.23 6.40
N ASP B 21 4.21 21.51 5.11
CA ASP B 21 2.91 21.54 4.44
C ASP B 21 2.73 20.42 3.43
N LEU B 22 3.75 19.60 3.18
CA LEU B 22 3.60 18.49 2.26
C LEU B 22 2.85 17.35 2.95
N GLY B 23 1.92 16.74 2.23
CA GLY B 23 1.05 15.75 2.83
C GLY B 23 0.05 16.32 3.81
N LYS B 24 -0.35 17.58 3.61
CA LYS B 24 -1.26 18.24 4.55
C LYS B 24 -2.71 17.90 4.27
N SER B 25 -3.06 17.61 3.01
CA SER B 25 -4.44 17.30 2.67
C SER B 25 -4.93 16.08 3.43
N ALA B 26 -4.11 15.02 3.47
CA ALA B 26 -4.49 13.84 4.25
C ALA B 26 -4.49 14.13 5.74
N ARG B 27 -3.62 15.03 6.20
CA ARG B 27 -3.57 15.37 7.61
C ARG B 27 -4.79 16.19 8.03
N ASP B 28 -5.31 17.02 7.13
CA ASP B 28 -6.47 17.85 7.46
C ASP B 28 -7.72 16.99 7.70
N VAL B 29 -7.80 15.83 7.06
CA VAL B 29 -8.92 14.92 7.31
C VAL B 29 -8.88 14.42 8.75
N PHE B 30 -7.67 14.20 9.29
CA PHE B 30 -7.54 13.77 10.68
C PHE B 30 -7.64 14.95 11.64
N THR B 31 -6.91 16.04 11.36
CA THR B 31 -6.80 17.13 12.30
C THR B 31 -8.04 18.02 12.30
N LYS B 32 -8.38 18.58 11.15
CA LYS B 32 -9.47 19.55 11.08
C LYS B 32 -10.81 18.88 11.31
N GLY B 33 -11.72 19.64 11.94
CA GLY B 33 -13.06 19.16 12.21
C GLY B 33 -13.25 18.55 13.59
N TYR B 34 -12.28 18.71 14.49
CA TYR B 34 -12.36 18.10 15.82
C TYR B 34 -11.92 19.09 16.89
N GLY B 35 -12.76 19.26 17.90
CA GLY B 35 -12.40 19.98 19.10
C GLY B 35 -12.67 19.12 20.32
N PHE B 36 -11.69 18.35 20.75
CA PHE B 36 -11.89 17.32 21.76
C PHE B 36 -11.76 17.90 23.16
N GLY B 37 -12.71 17.57 24.03
CA GLY B 37 -12.70 18.00 25.42
C GLY B 37 -12.46 19.48 25.61
N LEU B 38 -12.95 20.28 24.66
CA LEU B 38 -12.63 21.70 24.61
C LEU B 38 -13.84 22.47 24.11
N ILE B 39 -14.08 23.62 24.73
CA ILE B 39 -15.14 24.54 24.29
C ILE B 39 -14.42 25.71 23.65
N LYS B 40 -14.13 25.58 22.35
CA LYS B 40 -13.40 26.59 21.59
C LYS B 40 -14.40 27.56 20.99
N LEU B 41 -14.50 28.74 21.59
CA LEU B 41 -15.35 29.81 21.09
C LEU B 41 -14.54 30.67 20.13
N ASP B 42 -14.93 30.68 18.86
CA ASP B 42 -14.17 31.36 17.82
C ASP B 42 -15.00 32.48 17.20
N LEU B 43 -14.31 33.56 16.81
CA LEU B 43 -14.94 34.70 16.18
C LEU B 43 -14.01 35.21 15.08
N LYS B 44 -14.46 35.14 13.83
CA LYS B 44 -13.67 35.55 12.68
C LYS B 44 -14.13 36.93 12.23
N THR B 45 -13.20 37.88 12.21
CA THR B 45 -13.47 39.25 11.79
C THR B 45 -12.50 39.64 10.69
N LYS B 46 -13.02 40.18 9.60
CA LYS B 46 -12.20 40.60 8.47
C LYS B 46 -12.12 42.12 8.39
N PHE B 53 -8.10 39.68 12.02
CA PHE B 53 -8.58 39.54 13.40
C PHE B 53 -9.00 38.11 13.68
N THR B 54 -8.54 37.57 14.81
CA THR B 54 -8.83 36.19 15.18
C THR B 54 -9.01 36.14 16.70
N SER B 55 -10.25 35.89 17.13
CA SER B 55 -10.59 35.79 18.55
C SER B 55 -11.01 34.36 18.84
N SER B 56 -10.12 33.60 19.51
CA SER B 56 -10.37 32.21 19.83
C SER B 56 -10.29 32.02 21.33
N GLY B 57 -11.37 31.49 21.92
CA GLY B 57 -11.41 31.23 23.34
C GLY B 57 -11.56 29.75 23.66
N SER B 58 -10.49 29.15 24.18
CA SER B 58 -10.46 27.72 24.46
C SER B 58 -10.81 27.45 25.92
N ALA B 59 -11.70 26.50 26.15
CA ALA B 59 -12.14 26.14 27.49
C ALA B 59 -12.05 24.62 27.64
N ASN B 60 -11.17 24.16 28.51
CA ASN B 60 -11.00 22.73 28.75
C ASN B 60 -12.08 22.23 29.71
N THR B 61 -12.65 21.07 29.39
CA THR B 61 -13.68 20.48 30.24
C THR B 61 -13.09 19.72 31.42
N GLU B 62 -11.84 19.28 31.34
CA GLU B 62 -11.16 18.60 32.43
C GLU B 62 -10.25 19.53 33.22
N THR B 63 -9.47 20.36 32.55
CA THR B 63 -8.64 21.33 33.24
C THR B 63 -9.48 22.45 33.87
N THR B 64 -10.58 22.82 33.21
CA THR B 64 -11.48 23.87 33.69
C THR B 64 -10.72 25.19 33.90
N LYS B 65 -9.94 25.57 32.90
CA LYS B 65 -9.20 26.83 32.88
C LYS B 65 -9.58 27.58 31.61
N VAL B 66 -10.42 28.61 31.76
CA VAL B 66 -10.86 29.39 30.62
C VAL B 66 -9.65 30.13 30.02
N THR B 67 -9.47 29.99 28.71
CA THR B 67 -8.36 30.60 28.01
C THR B 67 -8.85 31.21 26.71
N GLY B 68 -8.23 32.32 26.32
CA GLY B 68 -8.60 33.01 25.09
C GLY B 68 -7.46 33.82 24.50
N SER B 69 -7.18 33.62 23.22
CA SER B 69 -6.12 34.32 22.53
C SER B 69 -6.68 35.16 21.39
N LEU B 70 -6.01 36.26 21.08
CA LEU B 70 -6.47 37.18 20.06
C LEU B 70 -5.32 37.53 19.13
N GLU B 71 -5.65 37.76 17.86
CA GLU B 71 -4.66 38.08 16.84
C GLU B 71 -5.17 39.24 15.99
N THR B 72 -4.25 40.09 15.56
CA THR B 72 -4.54 41.23 14.71
C THR B 72 -3.57 41.26 13.54
N LYS B 73 -4.08 41.57 12.35
CA LYS B 73 -3.28 41.59 11.14
C LYS B 73 -3.66 42.80 10.31
N TYR B 74 -2.68 43.67 10.03
CA TYR B 74 -2.87 44.83 9.18
C TYR B 74 -2.37 44.50 7.77
N ARG B 75 -3.23 44.71 6.78
CA ARG B 75 -2.94 44.34 5.40
C ARG B 75 -2.58 45.57 4.57
N TRP B 76 -1.46 45.47 3.85
CA TRP B 76 -1.04 46.49 2.89
C TRP B 76 -0.63 45.77 1.60
N THR B 77 -1.64 45.29 0.86
CA THR B 77 -1.39 44.43 -0.28
C THR B 77 -0.71 45.17 -1.44
N GLU B 78 -1.03 46.45 -1.61
CA GLU B 78 -0.46 47.19 -2.74
C GLU B 78 1.05 47.38 -2.60
N TYR B 79 1.55 47.44 -1.37
CA TYR B 79 2.97 47.66 -1.13
C TYR B 79 3.68 46.43 -0.56
N GLY B 80 2.95 45.39 -0.17
CA GLY B 80 3.57 44.11 0.12
C GLY B 80 4.15 43.95 1.51
N LEU B 81 3.48 44.48 2.53
CA LEU B 81 3.92 44.28 3.91
C LEU B 81 2.69 44.01 4.78
N THR B 82 2.93 43.33 5.90
CA THR B 82 1.87 42.99 6.83
C THR B 82 2.40 43.07 8.26
N PHE B 83 1.52 43.49 9.17
CA PHE B 83 1.82 43.60 10.59
C PHE B 83 1.05 42.53 11.34
N THR B 84 1.72 41.81 12.23
CA THR B 84 1.09 40.74 12.99
C THR B 84 1.53 40.81 14.44
N GLU B 85 0.57 40.69 15.36
CA GLU B 85 0.84 40.66 16.78
C GLU B 85 -0.25 39.84 17.46
N LYS B 86 0.15 38.95 18.37
CA LYS B 86 -0.78 38.05 19.03
C LYS B 86 -0.54 38.08 20.54
N TRP B 87 -1.61 38.29 21.30
CA TRP B 87 -1.58 38.28 22.75
C TRP B 87 -2.37 37.07 23.24
N ASN B 88 -1.67 36.11 23.84
CA ASN B 88 -2.31 34.89 24.30
C ASN B 88 -3.00 35.12 25.65
N THR B 89 -3.56 34.04 26.21
CA THR B 89 -4.24 34.14 27.49
C THR B 89 -3.24 34.40 28.62
N ASP B 90 -2.15 33.64 28.65
CA ASP B 90 -1.17 33.71 29.72
C ASP B 90 -0.29 34.96 29.61
N ASN B 91 -0.81 36.00 28.95
CA ASN B 91 -0.15 37.31 28.88
C ASN B 91 1.23 37.21 28.25
N THR B 92 1.38 36.32 27.28
CA THR B 92 2.57 36.24 26.44
C THR B 92 2.24 36.77 25.05
N LEU B 93 3.14 37.57 24.50
CA LEU B 93 2.90 38.26 23.24
C LEU B 93 4.09 38.06 22.31
N GLY B 94 3.80 37.92 21.02
CA GLY B 94 4.84 37.74 20.03
C GLY B 94 4.75 38.73 18.88
N THR B 95 5.86 39.41 18.59
CA THR B 95 5.92 40.37 17.49
C THR B 95 6.36 39.64 16.22
N GLU B 96 5.68 39.93 15.11
CA GLU B 96 5.98 39.25 13.86
C GLU B 96 5.71 40.19 12.69
N ILE B 97 6.69 40.31 11.80
CA ILE B 97 6.58 41.13 10.60
C ILE B 97 7.26 40.38 9.46
N THR B 98 6.61 40.36 8.29
CA THR B 98 7.12 39.68 7.11
C THR B 98 7.21 40.65 5.95
N VAL B 99 8.30 40.55 5.19
CA VAL B 99 8.51 41.34 3.98
C VAL B 99 8.86 40.37 2.86
N GLU B 100 8.02 40.33 1.82
CA GLU B 100 8.17 39.36 0.74
C GLU B 100 8.00 40.05 -0.61
N ASP B 101 8.52 39.38 -1.64
CA ASP B 101 8.36 39.81 -3.03
C ASP B 101 8.92 41.21 -3.26
N GLN B 102 10.07 41.49 -2.65
CA GLN B 102 10.72 42.80 -2.79
C GLN B 102 12.13 42.65 -3.33
N LEU B 103 13.06 42.06 -2.57
CA LEU B 103 14.42 41.93 -3.05
C LEU B 103 14.52 40.97 -4.23
N ALA B 104 13.59 40.03 -4.33
CA ALA B 104 13.55 39.09 -5.45
C ALA B 104 12.16 38.48 -5.53
N ARG B 105 11.75 38.13 -6.74
CA ARG B 105 10.45 37.51 -6.94
C ARG B 105 10.40 36.15 -6.26
N GLY B 106 9.51 36.02 -5.27
CA GLY B 106 9.41 34.82 -4.47
C GLY B 106 10.21 34.85 -3.18
N LEU B 107 11.22 35.72 -3.09
CA LEU B 107 11.98 35.85 -1.85
C LEU B 107 11.09 36.42 -0.76
N LYS B 108 11.09 35.77 0.41
CA LYS B 108 10.21 36.15 1.51
C LYS B 108 10.99 36.12 2.81
N LEU B 109 11.01 37.26 3.50
CA LEU B 109 11.63 37.37 4.81
C LEU B 109 10.55 37.46 5.89
N THR B 110 10.93 37.11 7.11
CA THR B 110 9.98 37.10 8.23
C THR B 110 10.76 37.23 9.53
N PHE B 111 10.36 38.19 10.36
CA PHE B 111 10.95 38.40 11.68
C PHE B 111 9.85 38.23 12.72
N ASP B 112 9.67 37.02 13.22
CA ASP B 112 8.65 36.70 14.20
C ASP B 112 9.25 36.66 15.60
N SER B 113 8.40 36.41 16.59
CA SER B 113 8.83 36.30 17.97
C SER B 113 7.82 35.53 18.80
N ALA B 124 12.32 36.34 19.42
CA ALA B 124 12.63 36.93 18.13
C ALA B 124 13.17 35.88 17.17
N LYS B 125 12.44 35.63 16.09
CA LYS B 125 12.78 34.62 15.11
C LYS B 125 12.96 35.27 13.75
N ILE B 126 14.08 34.98 13.09
CA ILE B 126 14.33 35.44 11.73
C ILE B 126 14.10 34.27 10.77
N LYS B 127 13.17 34.45 9.84
CA LYS B 127 12.76 33.41 8.92
C LYS B 127 12.98 33.88 7.49
N THR B 128 13.79 33.14 6.73
CA THR B 128 14.03 33.42 5.33
C THR B 128 13.61 32.22 4.50
N GLY B 129 13.14 32.49 3.28
CA GLY B 129 12.69 31.44 2.39
C GLY B 129 12.51 31.87 0.96
N TYR B 130 12.76 30.97 0.02
CA TYR B 130 12.62 31.24 -1.41
C TYR B 130 11.58 30.29 -1.99
N LYS B 131 10.63 30.84 -2.74
CA LYS B 131 9.54 30.06 -3.32
C LYS B 131 9.49 30.34 -4.82
N ARG B 132 9.57 29.28 -5.61
CA ARG B 132 9.60 29.43 -7.07
C ARG B 132 8.68 28.37 -7.68
N GLU B 133 8.89 28.08 -8.96
CA GLU B 133 7.97 27.20 -9.68
C GLU B 133 8.20 25.73 -9.39
N HIS B 134 9.42 25.35 -9.00
CA HIS B 134 9.71 23.95 -8.71
C HIS B 134 10.55 23.76 -7.46
N ILE B 135 10.80 24.81 -6.69
CA ILE B 135 11.67 24.73 -5.51
C ILE B 135 11.05 25.55 -4.38
N ASN B 136 11.03 24.97 -3.19
CA ASN B 136 10.63 25.66 -1.96
C ASN B 136 11.81 25.62 -1.00
N LEU B 137 12.45 26.76 -0.79
CA LEU B 137 13.61 26.87 0.08
C LEU B 137 13.20 27.56 1.39
N GLY B 138 13.88 27.17 2.47
CA GLY B 138 13.59 27.72 3.78
C GLY B 138 14.73 27.59 4.76
N CYS B 139 15.10 28.70 5.40
CA CYS B 139 16.17 28.73 6.39
C CYS B 139 15.67 29.48 7.62
N ASP B 140 15.24 28.74 8.63
CA ASP B 140 14.76 29.32 9.87
C ASP B 140 15.91 29.49 10.86
N MET B 141 15.90 30.60 11.59
CA MET B 141 16.95 30.91 12.56
C MET B 141 16.31 31.48 13.81
N ASP B 142 16.62 30.88 14.96
CA ASP B 142 16.06 31.32 16.22
C ASP B 142 17.08 31.20 17.35
N ILE B 150 19.55 25.92 13.80
CA ILE B 150 18.84 26.51 12.66
C ILE B 150 18.13 25.42 11.88
N ARG B 151 17.03 25.79 11.22
CA ARG B 151 16.23 24.85 10.44
C ARG B 151 16.40 25.14 8.96
N GLY B 152 16.65 24.10 8.19
CA GLY B 152 16.79 24.22 6.74
C GLY B 152 16.02 23.17 5.99
N ALA B 153 15.13 23.60 5.10
CA ALA B 153 14.29 22.69 4.33
C ALA B 153 14.39 23.00 2.85
N LEU B 154 14.16 21.97 2.05
CA LEU B 154 14.16 22.10 0.59
C LEU B 154 13.15 21.11 0.02
N VAL B 155 12.28 21.61 -0.85
CA VAL B 155 11.25 20.80 -1.49
C VAL B 155 11.33 21.01 -2.99
N LEU B 156 11.43 19.91 -3.73
CA LEU B 156 11.51 19.94 -5.19
C LEU B 156 10.30 19.23 -5.78
N GLY B 157 9.71 19.84 -6.82
CA GLY B 157 8.52 19.27 -7.44
C GLY B 157 8.56 19.22 -8.95
N TYR B 158 7.99 18.16 -9.53
CA TYR B 158 7.93 18.03 -10.99
C TYR B 158 6.86 17.01 -11.34
N GLU B 159 5.80 17.47 -12.02
CA GLU B 159 4.72 16.61 -12.50
C GLU B 159 4.10 15.80 -11.36
N GLY B 160 3.75 16.50 -10.29
CA GLY B 160 3.13 15.88 -9.13
C GLY B 160 4.08 15.14 -8.21
N TRP B 161 5.32 14.92 -8.62
CA TRP B 161 6.31 14.23 -7.78
C TRP B 161 7.01 15.24 -6.88
N LEU B 162 7.15 14.88 -5.61
CA LEU B 162 7.70 15.79 -4.61
C LEU B 162 8.82 15.10 -3.84
N ALA B 163 9.94 15.79 -3.70
CA ALA B 163 11.05 15.37 -2.86
C ALA B 163 11.31 16.44 -1.82
N GLY B 164 11.60 16.03 -0.60
CA GLY B 164 11.80 16.98 0.48
C GLY B 164 12.82 16.49 1.48
N TYR B 165 13.53 17.44 2.09
CA TYR B 165 14.51 17.15 3.11
C TYR B 165 14.61 18.34 4.05
N GLN B 166 14.67 18.05 5.35
CA GLN B 166 14.76 19.08 6.37
C GLN B 166 15.73 18.65 7.45
N MET B 167 16.53 19.60 7.95
CA MET B 167 17.47 19.35 9.01
C MET B 167 17.37 20.45 10.06
N ASN B 168 17.78 20.12 11.29
CA ASN B 168 17.81 21.06 12.40
C ASN B 168 19.19 21.01 13.02
N PHE B 169 19.94 22.10 12.91
CA PHE B 169 21.31 22.19 13.39
C PHE B 169 21.35 23.06 14.64
N GLU B 170 21.80 22.49 15.75
CA GLU B 170 21.90 23.22 17.01
C GLU B 170 23.33 23.74 17.15
N THR B 171 23.47 25.08 17.16
CA THR B 171 24.80 25.67 17.28
C THR B 171 25.39 25.44 18.66
N ALA B 172 24.55 25.36 19.70
CA ALA B 172 25.05 25.12 21.04
C ALA B 172 25.53 23.70 21.24
N LYS B 173 25.06 22.75 20.43
CA LYS B 173 25.47 21.36 20.54
C LYS B 173 26.45 20.93 19.47
N SER B 174 26.64 21.76 18.43
CA SER B 174 27.59 21.49 17.34
C SER B 174 27.29 20.16 16.66
N ARG B 175 26.01 19.86 16.50
CA ARG B 175 25.58 18.62 15.85
C ARG B 175 24.12 18.76 15.45
N VAL B 176 23.76 18.11 14.34
CA VAL B 176 22.37 18.11 13.89
C VAL B 176 21.53 17.25 14.83
N THR B 177 20.33 17.74 15.15
CA THR B 177 19.43 17.02 16.04
C THR B 177 18.28 16.33 15.33
N GLN B 178 17.92 16.80 14.14
CA GLN B 178 16.84 16.20 13.36
C GLN B 178 17.21 16.18 11.90
N SER B 179 16.97 15.05 11.24
CA SER B 179 17.25 14.87 9.81
C SER B 179 16.01 14.24 9.18
N ASN B 180 15.10 15.09 8.69
CA ASN B 180 13.82 14.65 8.16
C ASN B 180 13.88 14.64 6.64
N PHE B 181 13.57 13.49 6.05
CA PHE B 181 13.53 13.33 4.60
C PHE B 181 12.16 12.78 4.20
N ALA B 182 11.63 13.28 3.09
CA ALA B 182 10.31 12.87 2.63
C ALA B 182 10.28 12.84 1.11
N VAL B 183 9.34 12.08 0.57
CA VAL B 183 9.14 11.96 -0.87
C VAL B 183 7.75 11.41 -1.11
N GLY B 184 7.10 11.90 -2.17
CA GLY B 184 5.75 11.46 -2.46
C GLY B 184 5.31 11.89 -3.83
N TYR B 185 4.04 11.62 -4.11
CA TYR B 185 3.43 11.95 -5.40
C TYR B 185 2.05 12.55 -5.15
N LYS B 186 1.79 13.70 -5.75
CA LYS B 186 0.58 14.47 -5.48
C LYS B 186 -0.29 14.57 -6.72
N THR B 187 -1.59 14.35 -6.53
CA THR B 187 -2.57 14.50 -7.59
C THR B 187 -3.87 15.01 -6.95
N ASP B 188 -4.75 15.57 -7.79
CA ASP B 188 -5.97 16.19 -7.28
C ASP B 188 -6.85 15.20 -6.52
N GLU B 189 -6.93 13.96 -7.00
CA GLU B 189 -7.78 12.96 -6.39
C GLU B 189 -7.03 11.95 -5.52
N PHE B 190 -5.71 11.86 -5.65
CA PHE B 190 -4.92 10.91 -4.89
C PHE B 190 -3.58 11.53 -4.52
N GLN B 191 -3.17 11.35 -3.27
CA GLN B 191 -1.89 11.86 -2.79
C GLN B 191 -1.22 10.79 -1.94
N LEU B 192 -0.01 10.41 -2.32
CA LEU B 192 0.80 9.47 -1.55
C LEU B 192 2.02 10.20 -0.99
N HIS B 193 2.38 9.89 0.25
CA HIS B 193 3.45 10.61 0.94
C HIS B 193 4.16 9.65 1.88
N THR B 194 5.50 9.68 1.86
CA THR B 194 6.32 8.86 2.74
C THR B 194 7.28 9.75 3.51
N ASN B 195 7.70 9.28 4.67
CA ASN B 195 8.49 10.10 5.59
C ASN B 195 9.51 9.23 6.32
N VAL B 196 10.74 9.73 6.42
CA VAL B 196 11.82 9.10 7.17
C VAL B 196 12.48 10.18 8.02
N ASN B 197 12.21 10.16 9.32
CA ASN B 197 12.74 11.17 10.23
C ASN B 197 13.92 10.59 11.00
N ASP B 198 15.10 11.21 10.84
CA ASP B 198 16.33 10.82 11.53
C ASP B 198 16.74 9.38 11.21
N GLY B 199 16.23 8.81 10.13
CA GLY B 199 16.52 7.43 9.80
C GLY B 199 16.02 6.40 10.80
N THR B 200 15.24 6.81 11.80
CA THR B 200 14.76 5.90 12.84
C THR B 200 13.28 5.59 12.72
N GLU B 201 12.45 6.59 12.41
CA GLU B 201 11.01 6.42 12.32
C GLU B 201 10.57 6.61 10.87
N PHE B 202 9.73 5.69 10.39
CA PHE B 202 9.15 5.76 9.06
C PHE B 202 7.68 6.16 9.17
N GLY B 203 7.14 6.64 8.05
CA GLY B 203 5.77 7.08 8.03
C GLY B 203 5.23 7.19 6.62
N GLY B 204 3.90 7.15 6.53
CA GLY B 204 3.24 7.24 5.24
C GLY B 204 1.83 7.76 5.39
N SER B 205 1.34 8.42 4.35
CA SER B 205 -0.01 8.95 4.35
C SER B 205 -0.59 8.88 2.95
N ILE B 206 -1.89 8.65 2.87
CA ILE B 206 -2.61 8.51 1.61
C ILE B 206 -3.86 9.39 1.66
N TYR B 207 -4.07 10.18 0.62
CA TYR B 207 -5.27 11.01 0.50
C TYR B 207 -6.07 10.54 -0.70
N GLN B 208 -7.40 10.59 -0.56
CA GLN B 208 -8.29 10.10 -1.61
C GLN B 208 -9.57 10.94 -1.61
N LYS B 209 -10.08 11.24 -2.80
CA LYS B 209 -11.31 12.00 -2.99
C LYS B 209 -12.22 11.19 -3.91
N VAL B 210 -13.07 10.35 -3.32
CA VAL B 210 -13.96 9.49 -4.10
C VAL B 210 -15.26 10.19 -4.49
N ASN B 211 -15.46 11.43 -4.06
CA ASN B 211 -16.68 12.16 -4.38
C ASN B 211 -16.43 13.64 -4.17
N LYS B 212 -17.29 14.47 -4.77
CA LYS B 212 -17.20 15.91 -4.59
C LYS B 212 -17.50 16.36 -3.17
N LYS B 213 -17.94 15.44 -2.30
CA LYS B 213 -18.19 15.77 -0.91
C LYS B 213 -17.64 14.76 0.08
N LEU B 214 -17.07 13.65 -0.37
CA LEU B 214 -16.51 12.63 0.50
C LEU B 214 -15.00 12.57 0.34
N GLU B 215 -14.29 12.52 1.47
CA GLU B 215 -12.84 12.41 1.47
C GLU B 215 -12.44 11.23 2.35
N THR B 216 -11.22 10.74 2.12
CA THR B 216 -10.70 9.60 2.87
C THR B 216 -9.18 9.72 2.96
N ALA B 217 -8.64 9.56 4.16
CA ALA B 217 -7.22 9.66 4.39
C ALA B 217 -6.76 8.52 5.28
N VAL B 218 -5.58 7.98 4.97
CA VAL B 218 -4.99 6.87 5.71
C VAL B 218 -3.64 7.33 6.26
N ASN B 219 -3.33 6.91 7.49
CA ASN B 219 -2.10 7.29 8.17
C ASN B 219 -1.36 6.04 8.63
N LEU B 220 -0.04 6.09 8.56
CA LEU B 220 0.80 4.98 9.01
C LEU B 220 2.15 5.52 9.47
N ALA B 221 2.60 5.07 10.63
CA ALA B 221 3.88 5.50 11.18
C ALA B 221 4.40 4.42 12.12
N TRP B 222 5.71 4.18 12.06
CA TRP B 222 6.32 3.15 12.89
C TRP B 222 7.81 3.45 13.02
N THR B 223 8.42 2.84 14.04
CA THR B 223 9.84 3.01 14.34
C THR B 223 10.62 1.80 13.88
N ALA B 224 11.77 2.04 13.24
CA ALA B 224 12.58 0.95 12.72
C ALA B 224 13.06 0.04 13.84
N GLY B 225 13.11 -1.26 13.55
CA GLY B 225 13.58 -2.23 14.53
C GLY B 225 12.63 -2.46 15.68
N ASN B 226 11.37 -2.05 15.56
CA ASN B 226 10.40 -2.21 16.63
C ASN B 226 9.03 -2.43 16.04
N SER B 227 8.18 -3.14 16.79
CA SER B 227 6.81 -3.39 16.38
C SER B 227 5.89 -2.21 16.66
N ASN B 228 6.41 -1.11 17.20
CA ASN B 228 5.60 0.07 17.50
C ASN B 228 5.05 0.68 16.21
N THR B 229 3.84 0.28 15.83
CA THR B 229 3.19 0.78 14.63
C THR B 229 1.97 1.62 15.00
N ARG B 230 1.61 2.54 14.10
CA ARG B 230 0.51 3.48 14.35
C ARG B 230 -0.27 3.62 13.04
N PHE B 231 -1.40 2.91 12.96
CA PHE B 231 -2.23 2.90 11.77
C PHE B 231 -3.57 3.57 12.06
N GLY B 232 -4.00 4.44 11.16
CA GLY B 232 -5.27 5.13 11.34
C GLY B 232 -5.88 5.62 10.06
N ILE B 233 -7.21 5.57 9.97
CA ILE B 233 -7.94 6.02 8.80
C ILE B 233 -9.03 6.99 9.25
N ALA B 234 -9.31 7.98 8.40
CA ALA B 234 -10.32 8.99 8.70
C ALA B 234 -11.06 9.34 7.43
N ALA B 235 -12.16 10.08 7.60
CA ALA B 235 -13.00 10.48 6.47
C ALA B 235 -13.77 11.73 6.85
N LYS B 236 -14.12 12.52 5.83
CA LYS B 236 -14.89 13.75 6.01
C LYS B 236 -16.00 13.77 4.96
N TYR B 237 -17.22 13.43 5.38
CA TYR B 237 -18.37 13.43 4.49
C TYR B 237 -19.14 14.74 4.64
N GLN B 238 -19.56 15.30 3.51
CA GLN B 238 -20.30 16.56 3.46
C GLN B 238 -21.68 16.28 2.89
N ILE B 239 -22.69 16.26 3.76
CA ILE B 239 -24.05 15.97 3.32
C ILE B 239 -24.57 17.11 2.46
N ASP B 240 -24.49 18.34 2.96
CA ASP B 240 -24.93 19.53 2.25
C ASP B 240 -23.87 20.61 2.41
N PRO B 241 -23.91 21.69 1.62
CA PRO B 241 -22.86 22.72 1.74
C PRO B 241 -22.78 23.39 3.11
N ASP B 242 -23.75 23.13 4.00
CA ASP B 242 -23.74 23.71 5.34
C ASP B 242 -23.48 22.69 6.44
N ALA B 243 -23.41 21.40 6.12
CA ALA B 243 -23.17 20.35 7.10
C ALA B 243 -21.94 19.55 6.73
N CYS B 244 -21.24 19.06 7.74
CA CYS B 244 -20.03 18.28 7.54
C CYS B 244 -19.90 17.27 8.68
N PHE B 245 -19.52 16.04 8.33
CA PHE B 245 -19.36 14.96 9.30
C PHE B 245 -18.00 14.30 9.11
N SER B 246 -17.30 14.07 10.21
CA SER B 246 -15.97 13.48 10.19
C SER B 246 -15.93 12.29 11.15
N ALA B 247 -15.00 11.38 10.89
CA ALA B 247 -14.86 10.18 11.71
C ALA B 247 -13.45 9.62 11.56
N LYS B 248 -12.80 9.35 12.69
CA LYS B 248 -11.49 8.72 12.71
C LYS B 248 -11.57 7.37 13.43
N VAL B 249 -10.47 6.62 13.34
CA VAL B 249 -10.29 5.40 14.12
C VAL B 249 -8.81 5.08 14.13
N ASN B 250 -8.35 4.49 15.22
CA ASN B 250 -6.94 4.18 15.40
C ASN B 250 -6.78 2.70 15.71
N ASN B 251 -5.54 2.20 15.57
CA ASN B 251 -5.27 0.83 15.97
C ASN B 251 -5.26 0.67 17.48
N SER B 252 -5.30 1.77 18.23
CA SER B 252 -5.48 1.74 19.68
C SER B 252 -6.95 1.79 20.07
N SER B 253 -7.85 1.56 19.12
CA SER B 253 -9.30 1.57 19.36
C SER B 253 -9.77 2.94 19.89
N LEU B 254 -9.18 4.01 19.34
CA LEU B 254 -9.56 5.37 19.68
C LEU B 254 -10.46 5.90 18.58
N ILE B 255 -11.77 5.92 18.85
CA ILE B 255 -12.76 6.34 17.86
C ILE B 255 -13.00 7.84 18.02
N GLY B 256 -12.86 8.58 16.93
CA GLY B 256 -13.10 10.00 16.94
C GLY B 256 -14.23 10.41 16.01
N LEU B 257 -15.19 11.17 16.52
CA LEU B 257 -16.33 11.62 15.75
C LEU B 257 -16.39 13.14 15.74
N GLY B 258 -17.00 13.69 14.70
CA GLY B 258 -17.11 15.13 14.56
C GLY B 258 -18.19 15.56 13.59
N TYR B 259 -19.10 16.42 14.03
CA TYR B 259 -20.18 16.94 13.20
C TYR B 259 -20.13 18.46 13.24
N THR B 260 -20.07 19.08 12.06
CA THR B 260 -20.03 20.53 11.92
C THR B 260 -21.21 20.99 11.10
N GLN B 261 -21.97 21.94 11.64
CA GLN B 261 -23.15 22.48 10.97
C GLN B 261 -23.05 24.00 10.90
N THR B 262 -23.71 24.56 9.89
CA THR B 262 -23.77 26.01 9.67
C THR B 262 -25.24 26.40 9.62
N LEU B 263 -25.87 26.48 10.80
CA LEU B 263 -27.30 26.78 10.86
C LEU B 263 -27.60 28.22 10.46
N LYS B 264 -26.69 29.14 10.77
CA LYS B 264 -26.90 30.55 10.47
C LYS B 264 -25.72 31.08 9.66
N PRO B 265 -25.97 32.05 8.77
CA PRO B 265 -24.88 32.64 8.00
C PRO B 265 -23.91 33.41 8.89
N GLY B 266 -22.68 32.92 8.97
CA GLY B 266 -21.67 33.51 9.81
C GLY B 266 -21.49 32.85 11.17
N ILE B 267 -22.10 31.69 11.39
CA ILE B 267 -21.98 30.98 12.66
C ILE B 267 -21.99 29.48 12.40
N LYS B 268 -20.82 28.85 12.52
CA LYS B 268 -20.66 27.42 12.29
C LYS B 268 -20.46 26.72 13.62
N LEU B 269 -21.35 25.80 13.95
CA LEU B 269 -21.28 25.03 15.19
C LEU B 269 -20.75 23.64 14.89
N THR B 270 -19.69 23.24 15.60
CA THR B 270 -19.07 21.94 15.41
C THR B 270 -19.09 21.17 16.73
N LEU B 271 -19.50 19.91 16.67
CA LEU B 271 -19.55 19.02 17.82
C LEU B 271 -18.58 17.87 17.62
N SER B 272 -17.97 17.42 18.71
CA SER B 272 -16.99 16.34 18.65
C SER B 272 -17.11 15.47 19.89
N ALA B 273 -16.58 14.25 19.77
CA ALA B 273 -16.59 13.30 20.88
C ALA B 273 -15.53 12.25 20.63
N LEU B 274 -14.68 12.01 21.62
CA LEU B 274 -13.65 10.98 21.56
C LEU B 274 -14.13 9.76 22.32
N LEU B 275 -14.17 8.61 21.64
CA LEU B 275 -14.65 7.37 22.22
C LEU B 275 -13.51 6.37 22.27
N ASP B 276 -13.22 5.86 23.46
CA ASP B 276 -12.15 4.90 23.65
C ASP B 276 -12.73 3.49 23.61
N GLY B 277 -12.36 2.73 22.58
CA GLY B 277 -12.84 1.36 22.46
C GLY B 277 -12.24 0.40 23.45
N LYS B 278 -11.14 0.79 24.12
CA LYS B 278 -10.54 -0.08 25.13
C LYS B 278 -11.28 0.00 26.45
N ASN B 279 -11.82 1.17 26.79
CA ASN B 279 -12.53 1.39 28.06
C ASN B 279 -13.84 2.10 27.74
N VAL B 280 -14.87 1.31 27.39
CA VAL B 280 -16.16 1.88 27.05
C VAL B 280 -16.88 2.37 28.29
N ASN B 281 -16.78 1.63 29.40
CA ASN B 281 -17.42 2.00 30.66
C ASN B 281 -16.41 2.65 31.58
N ALA B 282 -16.72 3.87 32.03
CA ALA B 282 -15.84 4.64 32.92
C ALA B 282 -14.45 4.79 32.33
N GLY B 283 -14.38 5.05 31.03
CA GLY B 283 -13.11 5.18 30.34
C GLY B 283 -12.57 6.58 30.21
N GLY B 284 -13.24 7.58 30.77
CA GLY B 284 -12.78 8.95 30.69
C GLY B 284 -12.83 9.50 29.28
N HIS B 285 -13.93 9.27 28.58
CA HIS B 285 -14.07 9.77 27.23
C HIS B 285 -14.21 11.28 27.23
N LYS B 286 -13.77 11.91 26.14
CA LYS B 286 -13.74 13.36 26.02
C LYS B 286 -14.63 13.80 24.87
N LEU B 287 -15.52 14.75 25.16
CA LEU B 287 -16.35 15.37 24.13
C LEU B 287 -16.18 16.87 24.21
N GLY B 288 -16.22 17.54 23.05
CA GLY B 288 -16.02 18.96 22.96
C GLY B 288 -17.13 19.64 22.16
N LEU B 289 -17.06 20.97 22.13
CA LEU B 289 -18.06 21.79 21.46
C LEU B 289 -17.38 23.05 20.94
N GLY B 290 -17.41 23.25 19.63
CA GLY B 290 -16.81 24.44 19.05
C GLY B 290 -17.79 25.35 18.36
N LEU B 291 -17.68 26.66 18.59
CA LEU B 291 -18.56 27.65 17.99
C LEU B 291 -17.72 28.61 17.15
N GLU B 292 -18.28 29.03 16.01
CA GLU B 292 -17.64 29.99 15.13
C GLU B 292 -18.49 31.24 15.01
N PHE B 293 -17.84 32.36 14.71
CA PHE B 293 -18.53 33.63 14.58
C PHE B 293 -17.76 34.57 13.63
#